data_7ELS
#
_entry.id   7ELS
#
_cell.length_a   79.721
_cell.length_b   93.052
_cell.length_c   40.052
_cell.angle_alpha   90.000
_cell.angle_beta   90.000
_cell.angle_gamma   90.000
#
_symmetry.space_group_name_H-M   'P 21 21 2'
#
loop_
_entity.id
_entity.type
_entity.pdbx_description
1 polymer 'NMT1_8-azaxanthine (46-MER)'
2 non-polymer "GUANOSINE-5'-TRIPHOSPHATE"
3 non-polymer 'MAGNESIUM ION'
4 non-polymer 8-AZAXANTHINE
5 water water
#
_entity_poly.entity_id   1
_entity_poly.type   'polyribonucleotide'
_entity_poly.pdbx_seq_one_letter_code
;GAGUAGAAGCGUUCAGCGGCCGAAAGGCCGCCCGGAAAUUGCUCC
;
_entity_poly.pdbx_strand_id   A,B
#